data_3MAT
#
_entry.id   3MAT
#
_cell.length_a   39.297
_cell.length_b   65.155
_cell.length_c   51.371
_cell.angle_alpha   90.00
_cell.angle_beta   106.12
_cell.angle_gamma   90.00
#
_symmetry.space_group_name_H-M   'P 1 21 1'
#
loop_
_entity.id
_entity.type
_entity.pdbx_description
1 polymer 'METHIONINE AMINOPEPTIDASE'
2 polymer 'bestatin-based inhibitor (3R)-amino-(2S)-hydroxyheptanoyl-l-Ala-l-Leu-l-Val-l-Phe-OMe'
3 non-polymer 'COBALT (II) ION'
4 non-polymer 'SODIUM ION'
5 water water
#
loop_
_entity_poly.entity_id
_entity_poly.type
_entity_poly.pdbx_seq_one_letter_code
_entity_poly.pdbx_strand_id
1 'polypeptide(L)'
;MAISIKTPEDIEKMRVAGRLAAEVLEMIEPYVKPGVSTGELDRICNDYIVNEQHAVSACLGYHGYPKSVCISINEVVCHG
IPDDAKLLKDGDIVNIDVTVIKDGFHGDTSKMFIVGKPTIMGERLCRITQESLYLALRMVKPGINLREIGAAIQKFVEAE
GFSVVREYCGHGIGQGFHEEPQVLHYDSRETNVVLKPGMTFTIEPMVNAGKKEIRTMKDGWTVKTKDRSLSAQYEHTIVV
TDNGCEILTLRKDDTIPAIISHDEL
;
A
2 'polypeptide(L)' (AHH)ALV(0A9) I
#
loop_
_chem_comp.id
_chem_comp.type
_chem_comp.name
_chem_comp.formula
CO non-polymer 'COBALT (II) ION' 'Co 2'
NA non-polymer 'SODIUM ION' 'Na 1'
#
# COMPACT_ATOMS: atom_id res chain seq x y z
N ALA A 2 -15.63 13.70 9.96
CA ALA A 2 -14.55 13.54 10.92
C ALA A 2 -14.02 12.14 10.82
N ILE A 3 -13.13 11.78 11.74
CA ILE A 3 -12.62 10.41 11.70
C ILE A 3 -13.63 9.47 12.33
N SER A 4 -13.86 8.32 11.69
CA SER A 4 -14.82 7.35 12.18
C SER A 4 -14.20 6.28 13.06
N ILE A 5 -14.75 6.05 14.24
CA ILE A 5 -14.20 5.02 15.11
C ILE A 5 -14.97 3.73 14.78
N LYS A 6 -14.33 2.65 14.45
CA LYS A 6 -15.11 1.48 14.11
C LYS A 6 -15.52 0.72 15.36
N THR A 7 -16.61 -0.04 15.27
CA THR A 7 -17.02 -0.82 16.40
C THR A 7 -16.37 -2.17 16.18
N PRO A 8 -16.40 -2.98 17.23
CA PRO A 8 -15.83 -4.31 17.21
C PRO A 8 -16.32 -5.15 16.03
N GLU A 9 -17.62 -5.08 15.79
CA GLU A 9 -18.24 -5.78 14.68
C GLU A 9 -17.68 -5.27 13.34
N ASP A 10 -17.51 -3.94 13.22
CA ASP A 10 -16.93 -3.31 12.02
C ASP A 10 -15.55 -3.86 11.77
N ILE A 11 -14.81 -3.96 12.88
CA ILE A 11 -13.47 -4.50 12.85
C ILE A 11 -13.46 -5.92 12.36
N GLU A 12 -14.40 -6.69 12.90
CA GLU A 12 -14.45 -8.05 12.43
C GLU A 12 -14.67 -8.07 10.91
N LYS A 13 -15.46 -7.12 10.42
CA LYS A 13 -15.71 -7.09 8.99
C LYS A 13 -14.47 -6.70 8.23
N MET A 14 -13.75 -5.75 8.80
CA MET A 14 -12.51 -5.29 8.23
C MET A 14 -11.47 -6.40 8.26
N ARG A 15 -11.51 -7.25 9.30
CA ARG A 15 -10.57 -8.36 9.31
C ARG A 15 -10.74 -9.26 8.12
N VAL A 16 -11.99 -9.45 7.71
CA VAL A 16 -12.29 -10.33 6.56
C VAL A 16 -11.88 -9.70 5.26
N ALA A 17 -12.23 -8.42 5.10
CA ALA A 17 -11.85 -7.73 3.89
C ALA A 17 -10.35 -7.66 3.81
N GLY A 18 -9.67 -7.45 4.93
CA GLY A 18 -8.21 -7.41 4.86
C GLY A 18 -7.52 -8.72 4.44
N ARG A 19 -7.99 -9.83 5.01
CA ARG A 19 -7.45 -11.15 4.73
C ARG A 19 -7.67 -11.45 3.25
N LEU A 20 -8.82 -11.02 2.76
CA LEU A 20 -9.06 -11.33 1.36
C LEU A 20 -8.07 -10.58 0.49
N ALA A 21 -7.89 -9.32 0.83
CA ALA A 21 -6.98 -8.53 0.07
C ALA A 21 -5.54 -9.10 0.04
N ALA A 22 -5.06 -9.56 1.20
CA ALA A 22 -3.71 -10.13 1.33
C ALA A 22 -3.54 -11.41 0.55
N GLU A 23 -4.64 -12.15 0.52
CA GLU A 23 -4.68 -13.41 -0.19
C GLU A 23 -4.42 -13.26 -1.65
N VAL A 24 -5.04 -12.24 -2.19
CA VAL A 24 -4.85 -11.97 -3.60
C VAL A 24 -3.35 -11.81 -3.86
N LEU A 25 -2.67 -11.14 -2.95
CA LEU A 25 -1.24 -10.89 -3.08
C LEU A 25 -0.47 -12.18 -2.92
N GLU A 26 -0.88 -13.01 -1.97
CA GLU A 26 -0.17 -14.31 -1.87
C GLU A 26 -0.43 -15.14 -3.12
N MET A 27 -1.67 -15.12 -3.59
CA MET A 27 -2.07 -15.89 -4.77
C MET A 27 -1.33 -15.58 -6.08
N ILE A 28 -1.17 -14.31 -6.37
CA ILE A 28 -0.56 -13.96 -7.63
C ILE A 28 0.96 -14.17 -7.68
N GLU A 29 1.66 -14.28 -6.57
CA GLU A 29 3.12 -14.44 -6.62
C GLU A 29 3.68 -15.32 -7.73
N PRO A 30 3.20 -16.55 -7.76
CA PRO A 30 3.65 -17.53 -8.72
C PRO A 30 3.59 -17.10 -10.15
N TYR A 31 2.56 -16.36 -10.48
CA TYR A 31 2.43 -15.96 -11.86
C TYR A 31 3.27 -14.79 -12.22
N VAL A 32 3.88 -14.19 -11.21
CA VAL A 32 4.71 -13.01 -11.46
C VAL A 32 6.12 -13.38 -11.99
N LYS A 33 6.30 -13.39 -13.32
CA LYS A 33 7.59 -13.73 -13.87
C LYS A 33 7.84 -13.14 -15.23
N PRO A 34 9.06 -13.31 -15.67
CA PRO A 34 9.40 -12.74 -16.94
C PRO A 34 8.48 -13.17 -18.07
N GLY A 35 8.20 -12.23 -18.97
CA GLY A 35 7.37 -12.59 -20.07
C GLY A 35 5.89 -12.41 -19.86
N VAL A 36 5.42 -12.49 -18.60
CA VAL A 36 4.00 -12.30 -18.34
C VAL A 36 3.64 -10.84 -18.60
N SER A 37 2.40 -10.59 -19.06
CA SER A 37 1.95 -9.25 -19.31
C SER A 37 1.23 -8.72 -18.06
N THR A 38 1.17 -7.39 -17.87
CA THR A 38 0.48 -6.87 -16.69
C THR A 38 -1.03 -7.10 -16.83
N GLY A 39 -1.49 -7.11 -18.06
CA GLY A 39 -2.90 -7.31 -18.32
C GLY A 39 -3.37 -8.68 -17.90
N GLU A 40 -2.55 -9.69 -18.12
CA GLU A 40 -2.91 -11.04 -17.75
C GLU A 40 -2.98 -11.19 -16.22
N LEU A 41 -2.07 -10.52 -15.52
CA LEU A 41 -2.06 -10.57 -14.08
C LEU A 41 -3.34 -9.94 -13.51
N ASP A 42 -3.73 -8.82 -14.10
CA ASP A 42 -4.96 -8.09 -13.72
C ASP A 42 -6.19 -9.00 -13.91
N ARG A 43 -6.15 -9.80 -14.99
CA ARG A 43 -7.22 -10.75 -15.29
C ARG A 43 -7.26 -11.88 -14.26
N ILE A 44 -6.08 -12.39 -13.90
CA ILE A 44 -6.02 -13.44 -12.91
C ILE A 44 -6.54 -12.88 -11.59
N CYS A 45 -6.03 -11.74 -11.15
CA CYS A 45 -6.57 -11.22 -9.88
C CYS A 45 -8.08 -11.00 -9.91
N ASN A 46 -8.54 -10.39 -10.94
CA ASN A 46 -9.97 -10.14 -10.99
C ASN A 46 -10.83 -11.41 -10.82
N ASP A 47 -10.48 -12.43 -11.57
CA ASP A 47 -11.22 -13.68 -11.54
C ASP A 47 -11.26 -14.34 -10.19
N TYR A 48 -10.14 -14.23 -9.52
CA TYR A 48 -9.93 -14.79 -8.21
C TYR A 48 -10.86 -14.13 -7.18
N ILE A 49 -10.83 -12.82 -7.21
CA ILE A 49 -11.64 -11.99 -6.33
C ILE A 49 -13.11 -12.24 -6.55
N VAL A 50 -13.48 -12.22 -7.84
CA VAL A 50 -14.87 -12.42 -8.17
C VAL A 50 -15.39 -13.84 -7.98
N ASN A 51 -14.72 -14.78 -8.65
CA ASN A 51 -15.07 -16.19 -8.69
C ASN A 51 -14.68 -17.02 -7.52
N GLU A 52 -13.56 -16.71 -6.89
CA GLU A 52 -13.18 -17.52 -5.74
C GLU A 52 -13.55 -16.81 -4.48
N GLN A 53 -13.10 -15.58 -4.36
CA GLN A 53 -13.48 -14.96 -3.12
C GLN A 53 -14.94 -14.48 -3.07
N HIS A 54 -15.59 -14.31 -4.23
CA HIS A 54 -16.96 -13.78 -4.25
C HIS A 54 -16.93 -12.42 -3.57
N ALA A 55 -15.98 -11.57 -3.98
CA ALA A 55 -15.87 -10.23 -3.45
C ALA A 55 -15.81 -9.28 -4.65
N VAL A 56 -15.54 -8.02 -4.41
CA VAL A 56 -15.47 -7.10 -5.51
C VAL A 56 -14.24 -6.28 -5.40
N SER A 57 -13.68 -5.91 -6.57
CA SER A 57 -12.53 -5.02 -6.62
C SER A 57 -13.03 -3.60 -6.51
N ALA A 58 -12.57 -2.85 -5.49
CA ALA A 58 -13.00 -1.47 -5.32
C ALA A 58 -12.37 -0.54 -6.36
N CYS A 59 -11.27 -0.93 -6.97
CA CYS A 59 -10.57 -0.04 -7.95
C CYS A 59 -11.21 0.14 -9.28
N LEU A 60 -11.90 -0.92 -9.70
CA LEU A 60 -12.56 -0.97 -10.99
C LEU A 60 -13.68 0.07 -11.09
N GLY A 61 -13.42 1.17 -11.82
CA GLY A 61 -14.36 2.27 -11.97
C GLY A 61 -14.19 3.36 -10.91
N TYR A 62 -13.26 3.19 -9.97
CA TYR A 62 -13.02 4.19 -8.93
C TYR A 62 -12.58 5.50 -9.59
N HIS A 63 -13.49 6.50 -9.66
CA HIS A 63 -13.13 7.72 -10.35
C HIS A 63 -12.76 7.36 -11.78
N GLY A 64 -13.38 6.31 -12.35
CA GLY A 64 -13.03 5.98 -13.70
C GLY A 64 -11.80 5.08 -13.87
N TYR A 65 -11.21 4.60 -12.77
CA TYR A 65 -10.07 3.71 -12.96
C TYR A 65 -10.55 2.52 -13.82
N PRO A 66 -9.84 2.25 -14.91
CA PRO A 66 -10.22 1.20 -15.88
C PRO A 66 -9.96 -0.23 -15.54
N LYS A 67 -9.08 -0.56 -14.58
CA LYS A 67 -8.80 -1.96 -14.31
C LYS A 67 -9.08 -2.35 -12.87
N SER A 68 -8.81 -3.62 -12.55
CA SER A 68 -9.08 -4.20 -11.24
C SER A 68 -8.00 -4.01 -10.20
N VAL A 69 -6.75 -3.93 -10.64
CA VAL A 69 -5.65 -3.74 -9.70
C VAL A 69 -4.70 -2.74 -10.34
N CYS A 70 -3.82 -2.15 -9.53
CA CYS A 70 -2.80 -1.28 -10.06
C CYS A 70 -1.48 -2.05 -10.06
N ILE A 71 -0.82 -2.05 -11.23
CA ILE A 71 0.47 -2.73 -11.42
C ILE A 71 1.44 -1.69 -11.94
N SER A 72 2.38 -1.32 -11.04
CA SER A 72 3.39 -0.32 -11.26
C SER A 72 4.75 -0.91 -11.37
N ILE A 73 5.37 -0.70 -12.52
CA ILE A 73 6.68 -1.22 -12.77
C ILE A 73 7.79 -0.18 -12.76
N ASN A 74 8.94 -0.56 -12.23
CA ASN A 74 10.11 0.30 -12.20
C ASN A 74 9.88 1.76 -11.86
N GLU A 75 10.01 2.60 -12.86
CA GLU A 75 9.91 4.03 -12.62
C GLU A 75 8.51 4.52 -12.37
N VAL A 76 7.54 3.65 -12.56
CA VAL A 76 6.19 4.07 -12.27
C VAL A 76 6.00 4.09 -10.77
N VAL A 77 5.54 5.24 -10.28
CA VAL A 77 5.29 5.48 -8.87
C VAL A 77 4.03 4.86 -8.33
N CYS A 78 2.95 5.02 -9.09
CA CYS A 78 1.68 4.45 -8.67
C CYS A 78 0.68 4.48 -9.81
N HIS A 79 -0.44 3.75 -9.68
CA HIS A 79 -1.50 3.74 -10.70
C HIS A 79 -1.16 3.17 -12.05
N GLY A 80 -0.11 2.38 -12.12
CA GLY A 80 0.26 1.76 -13.38
C GLY A 80 -0.94 0.96 -13.88
N ILE A 81 -1.30 1.16 -15.14
CA ILE A 81 -2.44 0.49 -15.71
C ILE A 81 -2.14 -0.86 -16.32
N PRO A 82 -2.78 -1.90 -15.79
CA PRO A 82 -2.51 -3.22 -16.39
C PRO A 82 -2.70 -3.23 -17.93
N ASP A 83 -1.84 -3.86 -18.65
CA ASP A 83 -2.06 -3.85 -20.08
C ASP A 83 -1.39 -5.04 -20.75
N ASP A 84 -2.08 -5.58 -21.72
CA ASP A 84 -1.57 -6.76 -22.39
C ASP A 84 -0.28 -6.64 -23.18
N ALA A 85 0.18 -5.41 -23.42
CA ALA A 85 1.41 -5.19 -24.18
C ALA A 85 2.59 -4.94 -23.28
N LYS A 86 2.32 -4.71 -21.99
CA LYS A 86 3.39 -4.49 -21.04
C LYS A 86 3.84 -5.82 -20.46
N LEU A 87 5.00 -6.34 -20.92
CA LEU A 87 5.54 -7.62 -20.42
C LEU A 87 6.58 -7.51 -19.33
N LEU A 88 6.54 -8.45 -18.40
CA LEU A 88 7.51 -8.44 -17.33
C LEU A 88 8.88 -8.92 -17.84
N LYS A 89 9.96 -8.28 -17.37
CA LYS A 89 11.29 -8.67 -17.77
C LYS A 89 12.13 -8.87 -16.55
N ASP A 90 13.19 -9.64 -16.70
CA ASP A 90 14.18 -9.92 -15.67
C ASP A 90 14.73 -8.69 -15.00
N GLY A 91 14.71 -8.62 -13.69
CA GLY A 91 15.25 -7.42 -13.11
C GLY A 91 14.21 -6.34 -12.76
N ASP A 92 13.00 -6.45 -13.28
CA ASP A 92 12.00 -5.45 -12.96
C ASP A 92 11.62 -5.55 -11.50
N ILE A 93 11.21 -4.42 -10.93
CA ILE A 93 10.66 -4.37 -9.59
C ILE A 93 9.19 -4.00 -9.84
N VAL A 94 8.24 -4.78 -9.30
CA VAL A 94 6.85 -4.46 -9.61
C VAL A 94 5.95 -4.36 -8.39
N ASN A 95 5.11 -3.31 -8.35
CA ASN A 95 4.22 -3.21 -7.21
C ASN A 95 2.83 -3.65 -7.68
N ILE A 96 2.15 -4.42 -6.86
CA ILE A 96 0.80 -4.81 -7.21
C ILE A 96 -0.08 -4.26 -6.07
N ASP A 97 -1.00 -3.34 -6.36
CA ASP A 97 -1.85 -2.74 -5.33
C ASP A 97 -3.29 -3.20 -5.48
N VAL A 98 -3.85 -3.74 -4.38
CA VAL A 98 -5.18 -4.32 -4.39
C VAL A 98 -6.14 -3.72 -3.38
N THR A 99 -7.41 -3.57 -3.77
CA THR A 99 -8.44 -3.11 -2.86
C THR A 99 -9.67 -3.95 -3.10
N VAL A 100 -10.14 -4.64 -2.06
CA VAL A 100 -11.28 -5.52 -2.13
C VAL A 100 -12.36 -5.04 -1.24
N ILE A 101 -13.59 -5.29 -1.69
CA ILE A 101 -14.75 -4.96 -0.88
C ILE A 101 -15.43 -6.24 -0.58
N LYS A 102 -15.77 -6.36 0.66
CA LYS A 102 -16.47 -7.52 1.10
C LYS A 102 -17.45 -7.10 2.19
N ASP A 103 -18.76 -7.29 1.93
CA ASP A 103 -19.77 -6.86 2.91
C ASP A 103 -19.75 -5.40 3.16
N GLY A 104 -19.29 -4.62 2.20
CA GLY A 104 -19.31 -3.19 2.44
C GLY A 104 -18.06 -2.53 3.02
N PHE A 105 -17.13 -3.34 3.48
CA PHE A 105 -15.90 -2.88 4.08
C PHE A 105 -14.75 -3.11 3.16
N HIS A 106 -13.76 -2.23 3.23
CA HIS A 106 -12.63 -2.31 2.34
C HIS A 106 -11.37 -2.79 3.04
N GLY A 107 -10.52 -3.44 2.24
CA GLY A 107 -9.18 -3.95 2.59
C GLY A 107 -8.21 -3.52 1.47
N ASP A 108 -7.25 -2.61 1.76
CA ASP A 108 -6.27 -2.04 0.77
C ASP A 108 -4.82 -2.41 1.12
N THR A 109 -4.12 -3.03 0.22
CA THR A 109 -2.77 -3.47 0.47
C THR A 109 -2.04 -3.66 -0.83
N SER A 110 -0.70 -3.61 -0.72
CA SER A 110 0.18 -3.79 -1.87
C SER A 110 1.55 -4.23 -1.45
N LYS A 111 2.26 -4.79 -2.43
CA LYS A 111 3.62 -5.18 -2.24
C LYS A 111 4.42 -5.08 -3.54
N MET A 112 5.72 -5.13 -3.30
CA MET A 112 6.68 -5.17 -4.37
C MET A 112 7.08 -6.61 -4.66
N PHE A 113 7.34 -6.84 -5.93
CA PHE A 113 7.84 -8.13 -6.35
C PHE A 113 9.10 -7.88 -7.19
N ILE A 114 10.09 -8.72 -7.09
CA ILE A 114 11.23 -8.55 -7.94
C ILE A 114 11.21 -9.56 -9.07
N VAL A 115 11.25 -9.12 -10.31
CA VAL A 115 11.22 -10.07 -11.40
C VAL A 115 12.60 -10.62 -11.76
N GLY A 116 12.69 -11.93 -11.71
CA GLY A 116 13.90 -12.60 -12.04
C GLY A 116 15.11 -12.20 -11.20
N LYS A 117 16.18 -11.92 -11.91
CA LYS A 117 17.40 -11.52 -11.28
C LYS A 117 17.27 -10.09 -10.87
N PRO A 118 17.73 -9.77 -9.67
CA PRO A 118 17.63 -8.41 -9.18
C PRO A 118 18.86 -7.54 -9.37
N THR A 119 18.61 -6.26 -9.40
CA THR A 119 19.66 -5.28 -9.44
C THR A 119 19.94 -4.95 -7.96
N ILE A 120 21.14 -4.52 -7.66
CA ILE A 120 21.48 -4.17 -6.31
C ILE A 120 20.53 -3.04 -5.79
N MET A 121 20.43 -1.95 -6.53
CA MET A 121 19.59 -0.84 -6.13
C MET A 121 18.13 -1.23 -6.05
N GLY A 122 17.68 -2.11 -6.95
CA GLY A 122 16.27 -2.47 -6.93
C GLY A 122 15.92 -3.21 -5.65
N GLU A 123 16.77 -4.16 -5.36
CA GLU A 123 16.54 -4.92 -4.20
C GLU A 123 16.68 -4.06 -2.98
N ARG A 124 17.66 -3.19 -3.00
CA ARG A 124 17.86 -2.32 -1.86
C ARG A 124 16.70 -1.32 -1.64
N LEU A 125 16.20 -0.77 -2.73
CA LEU A 125 15.08 0.13 -2.64
C LEU A 125 13.82 -0.57 -2.07
N CYS A 126 13.52 -1.80 -2.48
CA CYS A 126 12.33 -2.45 -1.94
C CYS A 126 12.49 -2.72 -0.44
N ARG A 127 13.69 -3.10 -0.06
CA ARG A 127 13.92 -3.40 1.33
C ARG A 127 13.82 -2.17 2.26
N ILE A 128 14.39 -1.03 1.88
CA ILE A 128 14.29 0.13 2.77
C ILE A 128 12.83 0.63 2.78
N THR A 129 12.14 0.52 1.63
CA THR A 129 10.72 0.91 1.55
C THR A 129 9.88 0.06 2.48
N GLN A 130 10.10 -1.25 2.48
CA GLN A 130 9.36 -2.10 3.40
C GLN A 130 9.71 -1.79 4.86
N GLU A 131 11.00 -1.49 5.12
CA GLU A 131 11.40 -1.17 6.47
C GLU A 131 10.76 0.12 6.95
N SER A 132 10.64 1.06 6.02
CA SER A 132 10.04 2.30 6.40
C SER A 132 8.54 2.12 6.78
N LEU A 133 7.85 1.15 6.19
CA LEU A 133 6.46 0.89 6.50
C LEU A 133 6.38 0.19 7.86
N TYR A 134 7.26 -0.78 8.04
CA TYR A 134 7.30 -1.49 9.29
C TYR A 134 7.60 -0.59 10.43
N LEU A 135 8.51 0.30 10.21
CA LEU A 135 8.82 1.22 11.28
C LEU A 135 7.59 2.01 11.71
N ALA A 136 6.81 2.49 10.73
CA ALA A 136 5.63 3.26 11.03
C ALA A 136 4.68 2.40 11.81
N LEU A 137 4.53 1.17 11.33
CA LEU A 137 3.61 0.27 11.97
C LEU A 137 3.90 0.03 13.42
N ARG A 138 5.21 -0.07 13.70
CA ARG A 138 5.73 -0.31 15.07
C ARG A 138 5.48 0.82 16.05
N MET A 139 5.23 1.98 15.48
CA MET A 139 4.95 3.19 16.24
C MET A 139 3.52 3.36 16.67
N VAL A 140 2.61 2.85 15.83
CA VAL A 140 1.19 2.99 16.10
C VAL A 140 0.73 2.45 17.43
N LYS A 141 0.08 3.34 18.16
CA LYS A 141 -0.52 3.07 19.46
C LYS A 141 -1.41 4.25 19.83
N PRO A 142 -2.36 4.03 20.69
CA PRO A 142 -3.21 5.13 21.07
C PRO A 142 -2.42 6.28 21.72
N GLY A 143 -2.80 7.54 21.48
CA GLY A 143 -2.12 8.67 22.09
C GLY A 143 -1.00 9.33 21.29
N ILE A 144 -0.43 8.66 20.32
CA ILE A 144 0.64 9.25 19.51
C ILE A 144 -0.01 10.17 18.50
N ASN A 145 0.78 11.09 17.95
CA ASN A 145 0.26 11.97 16.91
C ASN A 145 0.67 11.46 15.53
N LEU A 146 -0.23 11.47 14.59
CA LEU A 146 0.11 11.03 13.23
C LEU A 146 1.32 11.79 12.66
N ARG A 147 1.54 13.00 13.14
CA ARG A 147 2.65 13.75 12.61
C ARG A 147 3.98 13.10 12.90
N GLU A 148 4.07 12.43 14.06
CA GLU A 148 5.31 11.78 14.43
C GLU A 148 5.63 10.63 13.50
N ILE A 149 4.60 10.03 12.99
CA ILE A 149 4.79 8.92 12.10
C ILE A 149 5.31 9.42 10.75
N GLY A 150 4.66 10.44 10.25
CA GLY A 150 5.10 10.98 8.99
C GLY A 150 6.53 11.43 9.11
N ALA A 151 6.81 12.09 10.20
CA ALA A 151 8.17 12.56 10.38
C ALA A 151 9.24 11.46 10.43
N ALA A 152 8.89 10.41 11.18
CA ALA A 152 9.79 9.28 11.35
C ALA A 152 10.12 8.61 10.00
N ILE A 153 9.12 8.41 9.15
CA ILE A 153 9.32 7.74 7.89
C ILE A 153 10.24 8.55 7.04
N GLN A 154 9.94 9.81 7.00
CA GLN A 154 10.76 10.67 6.20
C GLN A 154 12.23 10.66 6.66
N LYS A 155 12.43 10.89 7.93
CA LYS A 155 13.77 10.95 8.43
C LYS A 155 14.54 9.69 8.08
N PHE A 156 13.86 8.56 8.23
CA PHE A 156 14.48 7.29 7.98
C PHE A 156 14.87 7.15 6.52
N VAL A 157 13.90 7.43 5.69
CA VAL A 157 14.08 7.28 4.28
C VAL A 157 15.21 8.15 3.72
N GLU A 158 15.24 9.38 4.17
CA GLU A 158 16.25 10.35 3.73
C GLU A 158 17.64 10.00 4.23
N ALA A 159 17.72 9.47 5.44
CA ALA A 159 19.00 9.04 6.00
C ALA A 159 19.62 7.89 5.18
N GLU A 160 18.78 7.22 4.40
CA GLU A 160 19.24 6.12 3.60
C GLU A 160 19.49 6.55 2.17
N GLY A 161 19.32 7.87 1.92
CA GLY A 161 19.56 8.43 0.60
C GLY A 161 18.41 8.36 -0.38
N PHE A 162 17.18 8.12 0.06
CA PHE A 162 16.12 8.11 -0.94
C PHE A 162 15.18 9.27 -0.63
N SER A 163 14.09 9.38 -1.38
CA SER A 163 13.10 10.43 -1.15
C SER A 163 11.69 9.85 -1.05
N VAL A 164 10.85 10.59 -0.31
CA VAL A 164 9.48 10.22 -0.14
C VAL A 164 8.63 11.11 -1.03
N VAL A 165 7.70 10.47 -1.79
CA VAL A 165 6.78 11.18 -2.67
C VAL A 165 5.79 11.95 -1.78
N ARG A 166 5.62 13.21 -2.09
CA ARG A 166 4.74 14.05 -1.27
C ARG A 166 3.26 13.94 -1.61
N GLU A 167 2.93 14.02 -2.90
CA GLU A 167 1.54 13.99 -3.34
C GLU A 167 0.64 12.85 -2.92
N TYR A 168 1.17 11.67 -2.63
CA TYR A 168 0.32 10.55 -2.28
C TYR A 168 0.45 10.08 -0.82
N CYS A 169 -0.70 9.92 -0.11
CA CYS A 169 -0.71 9.54 1.30
C CYS A 169 -1.54 8.30 1.60
N GLY A 170 -1.37 7.73 2.82
CA GLY A 170 -2.19 6.62 3.27
C GLY A 170 -3.53 7.29 3.65
N HIS A 171 -4.48 6.55 4.17
CA HIS A 171 -5.76 7.17 4.45
C HIS A 171 -6.66 6.35 5.36
N GLY A 172 -7.63 7.00 5.95
CA GLY A 172 -8.59 6.26 6.72
C GLY A 172 -9.33 5.35 5.72
N ILE A 173 -9.90 4.27 6.21
CA ILE A 173 -10.58 3.34 5.35
C ILE A 173 -11.62 2.54 6.15
N GLY A 174 -12.65 2.03 5.47
CA GLY A 174 -13.70 1.23 6.13
C GLY A 174 -14.86 1.00 5.16
N GLN A 175 -15.99 1.63 5.43
CA GLN A 175 -17.15 1.58 4.52
C GLN A 175 -16.77 2.40 3.30
N GLY A 176 -15.90 3.40 3.56
CA GLY A 176 -15.39 4.31 2.53
C GLY A 176 -13.98 3.88 2.14
N PHE A 177 -13.69 3.95 0.87
CA PHE A 177 -12.38 3.63 0.34
C PHE A 177 -11.37 4.61 0.94
N HIS A 178 -11.66 5.88 0.77
CA HIS A 178 -10.81 6.94 1.25
C HIS A 178 -11.53 7.82 2.24
N GLU A 179 -11.29 7.56 3.53
CA GLU A 179 -11.85 8.35 4.61
C GLU A 179 -10.76 9.15 5.33
N GLU A 180 -11.18 10.06 6.21
CA GLU A 180 -10.18 10.77 6.97
C GLU A 180 -9.62 9.76 7.93
N PRO A 181 -8.42 9.97 8.35
CA PRO A 181 -7.64 11.14 7.94
C PRO A 181 -6.66 10.85 6.78
N GLN A 182 -5.95 11.90 6.39
CA GLN A 182 -4.91 11.81 5.41
C GLN A 182 -3.66 11.48 6.21
N VAL A 183 -2.94 10.46 5.75
CA VAL A 183 -1.76 10.03 6.45
C VAL A 183 -0.55 10.40 5.60
N LEU A 184 0.04 11.53 5.92
CA LEU A 184 1.21 12.01 5.19
C LEU A 184 2.43 11.17 5.61
N HIS A 185 3.31 10.90 4.67
CA HIS A 185 4.50 10.09 4.96
C HIS A 185 5.75 10.96 5.18
N TYR A 186 5.48 12.22 5.59
CA TYR A 186 6.55 13.17 5.87
C TYR A 186 6.10 14.14 6.91
N ASP A 187 7.03 14.97 7.32
CA ASP A 187 6.72 15.90 8.39
C ASP A 187 6.01 17.12 7.91
N SER A 188 4.97 17.52 8.62
CA SER A 188 4.21 18.69 8.24
C SER A 188 3.65 19.30 9.48
N ARG A 189 3.90 20.57 9.66
CA ARG A 189 3.38 21.24 10.84
C ARG A 189 1.88 21.32 10.86
N GLU A 190 1.23 21.07 9.72
CA GLU A 190 -0.21 21.12 9.66
C GLU A 190 -0.80 19.82 10.20
N THR A 191 -0.02 18.77 10.26
CA THR A 191 -0.60 17.52 10.74
C THR A 191 -0.87 17.51 12.24
N ASN A 192 -2.12 17.24 12.63
CA ASN A 192 -2.50 17.17 14.02
C ASN A 192 -3.64 16.23 14.33
N VAL A 193 -3.35 14.93 14.43
CA VAL A 193 -4.35 13.89 14.74
C VAL A 193 -3.83 12.93 15.80
N VAL A 194 -4.53 12.87 16.91
CA VAL A 194 -4.14 11.98 17.97
C VAL A 194 -4.83 10.68 17.73
N LEU A 195 -4.05 9.61 17.77
CA LEU A 195 -4.62 8.28 17.53
C LEU A 195 -5.47 7.77 18.72
N LYS A 196 -6.63 7.18 18.41
CA LYS A 196 -7.62 6.53 19.27
C LYS A 196 -7.87 5.07 18.82
N PRO A 197 -8.13 4.15 19.77
CA PRO A 197 -8.40 2.81 19.42
C PRO A 197 -9.65 2.83 18.58
N GLY A 198 -9.71 1.98 17.60
CA GLY A 198 -10.91 1.94 16.79
C GLY A 198 -10.64 2.63 15.50
N MET A 199 -9.57 3.43 15.44
CA MET A 199 -9.29 4.07 14.16
C MET A 199 -8.67 3.04 13.21
N THR A 200 -9.12 3.09 11.93
CA THR A 200 -8.62 2.20 10.88
C THR A 200 -8.04 3.03 9.72
N PHE A 201 -6.84 2.76 9.31
CA PHE A 201 -6.31 3.50 8.17
C PHE A 201 -5.15 2.78 7.49
N THR A 202 -4.71 3.30 6.32
CA THR A 202 -3.59 2.68 5.66
C THR A 202 -2.38 3.58 5.77
N ILE A 203 -1.23 2.97 5.55
CA ILE A 203 0.08 3.60 5.51
C ILE A 203 0.70 3.09 4.23
N GLU A 204 1.06 3.95 3.31
CA GLU A 204 1.57 3.38 2.05
C GLU A 204 2.64 4.25 1.42
N PRO A 205 3.81 4.29 2.06
CA PRO A 205 4.89 5.13 1.60
C PRO A 205 5.36 4.83 0.19
N MET A 206 5.50 5.88 -0.67
CA MET A 206 6.06 5.71 -2.00
C MET A 206 7.45 6.32 -1.92
N VAL A 207 8.45 5.54 -2.18
CA VAL A 207 9.86 5.96 -2.05
C VAL A 207 10.61 5.98 -3.40
N ASN A 208 11.29 7.07 -3.69
CA ASN A 208 12.06 7.10 -4.94
C ASN A 208 13.55 6.96 -4.64
N ALA A 209 14.25 6.19 -5.47
CA ALA A 209 15.68 6.04 -5.20
C ALA A 209 16.30 7.40 -5.54
N GLY A 210 15.62 8.17 -6.42
CA GLY A 210 16.09 9.48 -6.87
C GLY A 210 15.43 10.69 -6.22
N LYS A 211 15.09 11.68 -7.03
CA LYS A 211 14.45 12.91 -6.52
C LYS A 211 12.97 12.63 -6.24
N LYS A 212 12.37 13.46 -5.41
CA LYS A 212 10.98 13.23 -5.05
C LYS A 212 9.95 13.60 -6.09
N GLU A 213 10.31 14.34 -7.13
CA GLU A 213 9.31 14.77 -8.11
C GLU A 213 8.77 13.72 -9.03
N ILE A 214 7.49 13.88 -9.33
CA ILE A 214 6.79 13.00 -10.22
C ILE A 214 6.04 13.72 -11.33
N ARG A 215 5.63 12.93 -12.30
CA ARG A 215 4.90 13.41 -13.44
C ARG A 215 3.77 12.44 -13.79
N THR A 216 2.63 12.95 -14.25
CA THR A 216 1.54 12.07 -14.64
C THR A 216 1.46 11.98 -16.13
N MET A 217 1.35 10.78 -16.68
CA MET A 217 1.23 10.63 -18.12
C MET A 217 -0.11 11.09 -18.70
N LYS A 218 -0.10 11.08 -20.04
CA LYS A 218 -1.18 11.44 -20.96
C LYS A 218 -2.45 10.67 -20.61
N ASP A 219 -2.21 9.46 -20.11
CA ASP A 219 -3.27 8.57 -19.72
C ASP A 219 -4.09 9.03 -18.53
N GLY A 220 -3.63 10.07 -17.83
CA GLY A 220 -4.36 10.60 -16.67
C GLY A 220 -4.24 9.77 -15.40
N TRP A 221 -3.47 8.65 -15.47
CA TRP A 221 -3.37 7.80 -14.30
C TRP A 221 -1.97 7.45 -13.87
N THR A 222 -1.18 7.00 -14.84
CA THR A 222 0.17 6.58 -14.59
C THR A 222 1.05 7.70 -14.10
N VAL A 223 1.61 7.49 -12.94
CA VAL A 223 2.46 8.53 -12.42
C VAL A 223 3.87 7.96 -12.45
N LYS A 224 4.85 8.76 -12.89
CA LYS A 224 6.25 8.37 -12.95
C LYS A 224 7.15 9.34 -12.24
N THR A 225 8.37 8.89 -11.94
CA THR A 225 9.37 9.78 -11.31
C THR A 225 9.79 10.78 -12.34
N LYS A 226 10.10 12.01 -11.94
CA LYS A 226 10.54 13.01 -12.90
C LYS A 226 11.92 12.61 -13.47
N ASP A 227 12.82 12.10 -12.60
CA ASP A 227 14.19 11.73 -12.99
C ASP A 227 14.41 10.32 -13.50
N ARG A 228 13.31 9.64 -13.76
CA ARG A 228 13.32 8.29 -14.25
C ARG A 228 13.97 7.32 -13.28
N SER A 229 14.11 7.73 -12.01
CA SER A 229 14.67 6.73 -11.09
C SER A 229 13.58 5.70 -10.71
N LEU A 230 14.00 4.60 -10.09
CA LEU A 230 13.06 3.59 -9.65
C LEU A 230 12.20 4.08 -8.51
N SER A 231 10.96 3.56 -8.39
CA SER A 231 10.12 3.96 -7.25
C SER A 231 9.49 2.69 -6.67
N ALA A 232 9.31 2.65 -5.35
CA ALA A 232 8.74 1.50 -4.68
C ALA A 232 7.73 1.91 -3.62
N GLN A 233 6.85 0.95 -3.32
CA GLN A 233 5.85 1.19 -2.28
C GLN A 233 5.34 -0.12 -1.66
N TYR A 234 4.88 -0.01 -0.40
CA TYR A 234 4.24 -1.12 0.35
C TYR A 234 3.07 -0.49 1.08
N GLU A 235 2.05 -1.28 1.35
CA GLU A 235 0.94 -0.74 2.08
C GLU A 235 0.26 -1.84 2.88
N HIS A 236 -0.19 -1.48 4.08
CA HIS A 236 -0.99 -2.29 4.96
C HIS A 236 -2.15 -1.47 5.51
N THR A 237 -3.21 -2.18 5.88
CA THR A 237 -4.39 -1.66 6.56
C THR A 237 -4.30 -2.13 8.01
N ILE A 238 -4.58 -1.20 8.91
CA ILE A 238 -4.51 -1.53 10.34
C ILE A 238 -5.60 -0.89 11.14
N VAL A 239 -5.72 -1.43 12.32
CA VAL A 239 -6.66 -0.89 13.27
C VAL A 239 -5.88 -0.47 14.53
N VAL A 240 -6.14 0.71 15.07
CA VAL A 240 -5.47 1.10 16.31
C VAL A 240 -6.17 0.34 17.42
N THR A 241 -5.40 -0.33 18.27
CA THR A 241 -5.97 -1.08 19.37
C THR A 241 -5.71 -0.34 20.69
N ASP A 242 -6.14 -1.00 21.73
CA ASP A 242 -5.99 -0.41 23.03
C ASP A 242 -4.54 -0.30 23.47
N ASN A 243 -3.67 -1.12 22.92
CA ASN A 243 -2.29 -1.00 23.31
C ASN A 243 -1.33 -1.08 22.15
N GLY A 244 -1.81 -0.84 20.95
CA GLY A 244 -0.92 -0.91 19.85
C GLY A 244 -1.71 -0.92 18.59
N CYS A 245 -1.38 -1.86 17.73
CA CYS A 245 -2.12 -1.94 16.51
C CYS A 245 -2.25 -3.40 16.04
N GLU A 246 -3.18 -3.61 15.12
CA GLU A 246 -3.42 -4.89 14.50
C GLU A 246 -3.47 -4.61 13.00
N ILE A 247 -2.60 -5.37 12.33
CA ILE A 247 -2.37 -5.34 10.91
C ILE A 247 -3.35 -6.26 10.25
N LEU A 248 -4.34 -5.67 9.55
CA LEU A 248 -5.40 -6.48 8.93
C LEU A 248 -5.04 -7.16 7.64
N THR A 249 -4.02 -6.69 6.97
CA THR A 249 -3.64 -7.29 5.72
C THR A 249 -2.33 -8.07 5.80
N LEU A 250 -2.00 -8.62 6.99
CA LEU A 250 -0.75 -9.40 7.10
C LEU A 250 -0.70 -10.61 6.17
N ARG A 251 0.44 -10.89 5.48
CA ARG A 251 0.59 -12.05 4.57
C ARG A 251 1.60 -12.99 5.17
N LYS A 252 1.73 -14.17 4.59
CA LYS A 252 2.71 -15.09 5.16
C LYS A 252 4.16 -14.63 5.06
N ASP A 253 4.48 -13.86 4.06
CA ASP A 253 5.87 -13.41 3.88
C ASP A 253 6.15 -12.14 4.70
N ASP A 254 5.16 -11.60 5.39
CA ASP A 254 5.46 -10.43 6.20
C ASP A 254 6.35 -10.85 7.34
N THR A 255 7.23 -10.01 7.83
CA THR A 255 8.03 -10.52 8.95
C THR A 255 7.76 -9.75 10.20
N ILE A 256 6.66 -9.08 10.17
CA ILE A 256 6.26 -8.33 11.33
C ILE A 256 5.07 -9.15 11.87
N PRO A 257 4.83 -9.13 13.17
CA PRO A 257 3.71 -9.85 13.72
C PRO A 257 2.41 -9.10 13.46
N ALA A 258 1.30 -9.85 13.49
CA ALA A 258 -0.03 -9.29 13.25
C ALA A 258 -0.48 -8.28 14.31
N ILE A 259 -0.13 -8.52 15.56
CA ILE A 259 -0.48 -7.66 16.66
C ILE A 259 0.77 -7.12 17.33
N ILE A 260 0.80 -5.81 17.47
CA ILE A 260 1.89 -5.15 18.11
C ILE A 260 1.39 -4.49 19.38
N SER A 261 1.96 -5.00 20.50
CA SER A 261 1.64 -4.52 21.85
C SER A 261 2.78 -3.75 22.42
N HIS A 262 2.46 -2.56 22.91
CA HIS A 262 3.36 -1.61 23.51
C HIS A 262 3.25 -1.72 25.00
N ASP A 263 4.21 -2.42 25.57
CA ASP A 263 4.26 -2.68 27.02
C ASP A 263 4.39 -1.39 27.86
N GLU A 264 4.83 -0.30 27.22
CA GLU A 264 5.03 0.97 27.93
C GLU A 264 3.71 1.61 28.25
N LEU A 265 2.64 1.09 27.67
CA LEU A 265 1.33 1.67 27.88
C LEU A 265 0.80 1.40 29.29
N AHH B 1 -5.25 1.04 -3.95
CA AHH B 1 -5.43 2.51 -3.76
CB AHH B 1 -5.46 3.24 -5.12
CG AHH B 1 -6.76 3.08 -5.87
O1 AHH B 1 -3.74 2.28 -1.93
O AHH B 1 -5.23 4.71 -1.69
CD AHH B 1 -6.61 3.45 -7.34
CE AHH B 1 -7.93 3.35 -8.07
C1 AHH B 1 -4.19 3.06 -3.03
C AHH B 1 -4.44 4.50 -2.64
N ALA B 2 -3.90 5.45 -3.33
CA ALA B 2 -4.10 6.83 -2.95
C ALA B 2 -4.50 7.72 -4.10
N LEU B 3 -4.96 8.88 -3.74
CA LEU B 3 -5.37 9.83 -4.73
C LEU B 3 -4.62 11.15 -4.67
CO CO C . -4.57 2.89 -0.14
CO CO D . -3.77 0.44 -2.22
NA NA E . 7.42 0.91 -9.01
#